data_3ORT
#
_entry.id   3ORT
#
_cell.length_a   42.987
_cell.length_b   52.099
_cell.length_c   143.371
_cell.angle_alpha   90.00
_cell.angle_beta   90.00
_cell.angle_gamma   90.00
#
_symmetry.space_group_name_H-M   'P 21 21 21'
#
loop_
_entity.id
_entity.type
_entity.pdbx_description
1 polymer 'Serine/threonine protein kinase'
2 non-polymer 'PHOSPHOTHIOPHOSPHORIC ACID-ADENYLATE ESTER'
3 non-polymer '2-(N-MORPHOLINO)-ETHANESULFONIC ACID'
4 water water
#
_entity_poly.entity_id   1
_entity_poly.type   'polypeptide(L)'
_entity_poly.pdbx_seq_one_letter_code
;GSHMTTPSHLSDRYELGEILGFGGMSEVHLARDLRDHRDVAVKVLRADLARDPSFYLRFRREAQNAAALNHPAIVAVYDT
GEAETPAGPLPYIVMEYVDGVTLRDIVHTEGPMTPKRAIEVIADACQALNFSHQNGIIHRDVKPANIMISATNAVKVMDF
GIARAIADSGNSVTQTAAVIGTAQYLSPEQARGDSVDARSDVYSLGCVLYEVLTGEPPFTGDSPVSVAYQHVREDPIPPS
ARHEGLSADLDAVVLKALAKNPENRYQTAAEMRADLVRVHNGEPPEAPKVLTDAERTSLLSSAAGNLSGPR
;
_entity_poly.pdbx_strand_id   A
#
loop_
_chem_comp.id
_chem_comp.type
_chem_comp.name
_chem_comp.formula
AGS non-polymer 'PHOSPHOTHIOPHOSPHORIC ACID-ADENYLATE ESTER' 'C10 H16 N5 O12 P3 S'
MES non-polymer '2-(N-MORPHOLINO)-ETHANESULFONIC ACID' 'C6 H13 N O4 S'
#
# COMPACT_ATOMS: atom_id res chain seq x y z
N MET A 4 -3.86 -29.09 -4.80
CA MET A 4 -2.92 -28.34 -5.70
C MET A 4 -1.92 -27.56 -4.86
N THR A 5 -0.66 -27.96 -4.93
CA THR A 5 0.38 -27.31 -4.16
C THR A 5 1.25 -26.38 -5.00
N THR A 6 1.97 -25.53 -4.27
CA THR A 6 3.08 -24.78 -4.79
C THR A 6 4.29 -25.67 -4.56
N PRO A 7 5.22 -25.74 -5.52
CA PRO A 7 6.35 -26.65 -5.33
C PRO A 7 7.15 -26.35 -4.07
N SER A 8 7.96 -27.32 -3.64
CA SER A 8 8.83 -27.15 -2.49
C SER A 8 10.02 -26.22 -2.78
N HIS A 9 10.30 -25.99 -4.05
CA HIS A 9 11.46 -25.20 -4.49
C HIS A 9 11.09 -24.34 -5.71
N LEU A 10 11.87 -23.28 -5.94
CA LEU A 10 11.71 -22.44 -7.13
C LEU A 10 13.11 -22.15 -7.69
N SER A 11 13.42 -22.77 -8.82
CA SER A 11 14.79 -23.01 -9.19
C SER A 11 15.35 -23.90 -8.12
N ASP A 12 16.65 -24.13 -8.16
CA ASP A 12 17.29 -24.92 -7.11
C ASP A 12 17.70 -23.99 -5.97
N ARG A 13 17.44 -22.70 -6.17
CA ARG A 13 17.95 -21.63 -5.32
C ARG A 13 17.07 -21.41 -4.11
N TYR A 14 15.75 -21.38 -4.33
CA TYR A 14 14.81 -21.00 -3.27
C TYR A 14 14.08 -22.19 -2.66
N GLU A 15 14.38 -22.48 -1.40
CA GLU A 15 13.69 -23.52 -0.66
C GLU A 15 12.57 -22.94 0.20
N LEU A 16 11.34 -23.28 -0.16
CA LEU A 16 10.15 -22.71 0.46
C LEU A 16 9.91 -23.22 1.86
N GLY A 17 9.57 -22.30 2.76
CA GLY A 17 9.19 -22.62 4.13
C GLY A 17 7.71 -22.40 4.34
N GLU A 18 7.35 -21.69 5.41
CA GLU A 18 5.97 -21.35 5.73
C GLU A 18 5.30 -20.40 4.71
N ILE A 19 4.01 -20.63 4.50
CA ILE A 19 3.17 -19.68 3.80
C ILE A 19 2.90 -18.46 4.69
N LEU A 20 3.03 -17.27 4.12
CA LEU A 20 2.90 -16.03 4.89
C LEU A 20 1.60 -15.31 4.61
N GLY A 21 1.17 -15.34 3.36
CA GLY A 21 0.00 -14.60 2.96
C GLY A 21 -0.47 -14.97 1.57
N PHE A 22 -1.64 -14.49 1.21
CA PHE A 22 -2.15 -14.57 -0.14
C PHE A 22 -3.08 -13.39 -0.46
N GLY A 23 -3.27 -13.15 -1.74
CA GLY A 23 -4.02 -12.02 -2.18
C GLY A 23 -4.90 -12.44 -3.32
N GLY A 24 -5.33 -11.45 -4.09
CA GLY A 24 -6.18 -11.66 -5.25
C GLY A 24 -5.58 -12.64 -6.24
N MET A 25 -4.27 -12.52 -6.49
CA MET A 25 -3.60 -13.40 -7.48
C MET A 25 -2.41 -14.20 -6.98
N SER A 26 -1.88 -13.91 -5.79
CA SER A 26 -0.68 -14.62 -5.37
C SER A 26 -0.63 -15.10 -3.95
N GLU A 27 0.32 -16.01 -3.72
CA GLU A 27 0.59 -16.53 -2.42
C GLU A 27 2.05 -16.19 -2.13
N VAL A 28 2.30 -15.77 -0.90
CA VAL A 28 3.61 -15.38 -0.46
C VAL A 28 4.08 -16.38 0.59
N HIS A 29 5.30 -16.85 0.39
CA HIS A 29 5.94 -17.84 1.23
C HIS A 29 7.25 -17.31 1.77
N LEU A 30 7.55 -17.67 3.01
CA LEU A 30 8.90 -17.52 3.53
C LEU A 30 9.78 -18.56 2.85
N ALA A 31 10.94 -18.13 2.34
CA ALA A 31 11.86 -19.04 1.70
C ALA A 31 13.28 -18.77 2.13
N ARG A 32 14.09 -19.82 2.05
CA ARG A 32 15.51 -19.72 2.25
C ARG A 32 16.16 -19.67 0.87
N ASP A 33 16.90 -18.60 0.62
CA ASP A 33 17.81 -18.52 -0.52
C ASP A 33 19.05 -19.31 -0.12
N LEU A 34 19.22 -20.45 -0.78
CA LEU A 34 20.28 -21.40 -0.49
C LEU A 34 21.62 -20.90 -1.02
N ARG A 35 21.57 -20.04 -2.04
CA ARG A 35 22.79 -19.46 -2.60
C ARG A 35 23.39 -18.40 -1.67
N ASP A 36 22.59 -17.40 -1.29
CA ASP A 36 23.04 -16.31 -0.42
C ASP A 36 22.78 -16.48 1.08
N HIS A 37 22.29 -17.65 1.51
CA HIS A 37 21.93 -17.86 2.93
C HIS A 37 21.08 -16.72 3.48
N ARG A 38 19.91 -16.52 2.88
CA ARG A 38 19.03 -15.43 3.26
C ARG A 38 17.59 -15.89 3.27
N ASP A 39 16.86 -15.51 4.31
CA ASP A 39 15.42 -15.69 4.32
C ASP A 39 14.86 -14.57 3.49
N VAL A 40 14.03 -14.95 2.50
CA VAL A 40 13.34 -14.02 1.63
C VAL A 40 11.85 -14.33 1.58
N ALA A 41 11.08 -13.42 0.99
CA ALA A 41 9.68 -13.69 0.68
C ALA A 41 9.61 -13.96 -0.80
N VAL A 42 8.93 -15.04 -1.16
CA VAL A 42 8.72 -15.35 -2.56
C VAL A 42 7.21 -15.26 -2.80
N LYS A 43 6.86 -14.40 -3.76
CA LYS A 43 5.48 -14.25 -4.19
C LYS A 43 5.33 -15.04 -5.46
N VAL A 44 4.32 -15.89 -5.49
CA VAL A 44 4.09 -16.80 -6.60
C VAL A 44 2.64 -16.76 -7.02
N LEU A 45 2.38 -16.95 -8.30
CA LEU A 45 1.02 -17.07 -8.78
C LEU A 45 0.33 -18.14 -7.92
N ARG A 46 -0.87 -17.84 -7.42
CA ARG A 46 -1.58 -18.79 -6.60
C ARG A 46 -1.72 -20.14 -7.28
N ALA A 47 -1.57 -21.20 -6.49
CA ALA A 47 -1.58 -22.56 -7.04
C ALA A 47 -2.91 -22.93 -7.68
N ASP A 48 -3.99 -22.37 -7.19
CA ASP A 48 -5.33 -22.67 -7.73
C ASP A 48 -5.67 -21.87 -8.98
N LEU A 49 -5.15 -20.64 -9.06
CA LEU A 49 -5.33 -19.81 -10.25
C LEU A 49 -4.27 -20.05 -11.32
N ALA A 50 -3.35 -20.97 -11.07
CA ALA A 50 -2.13 -21.05 -11.87
C ALA A 50 -2.37 -21.56 -13.28
N ARG A 51 -3.49 -22.27 -13.47
CA ARG A 51 -3.86 -22.80 -14.77
C ARG A 51 -4.67 -21.82 -15.61
N ASP A 52 -5.04 -20.70 -15.02
CA ASP A 52 -5.84 -19.66 -15.67
C ASP A 52 -4.92 -18.73 -16.45
N PRO A 53 -5.03 -18.70 -17.79
CA PRO A 53 -4.15 -17.80 -18.54
C PRO A 53 -4.29 -16.30 -18.20
N SER A 54 -5.47 -15.84 -17.79
CA SER A 54 -5.73 -14.42 -17.48
C SER A 54 -4.99 -13.99 -16.23
N PHE A 55 -4.97 -14.87 -15.23
CA PHE A 55 -4.17 -14.63 -14.02
C PHE A 55 -2.66 -14.78 -14.27
N TYR A 56 -2.25 -15.80 -15.03
CA TYR A 56 -0.84 -15.93 -15.39
C TYR A 56 -0.36 -14.62 -16.01
N LEU A 57 -1.15 -14.04 -16.89
CA LEU A 57 -0.77 -12.79 -17.55
C LEU A 57 -0.73 -11.61 -16.60
N ARG A 58 -1.76 -11.49 -15.77
CA ARG A 58 -1.80 -10.42 -14.79
C ARG A 58 -0.57 -10.52 -13.91
N PHE A 59 -0.24 -11.73 -13.48
CA PHE A 59 0.85 -11.88 -12.53
C PHE A 59 2.15 -11.38 -13.14
N ARG A 60 2.40 -11.78 -14.38
CA ARG A 60 3.59 -11.33 -15.06
C ARG A 60 3.60 -9.82 -15.32
N ARG A 61 2.45 -9.29 -15.71
CA ARG A 61 2.39 -7.88 -16.07
C ARG A 61 2.30 -6.96 -14.88
N GLU A 62 1.80 -7.44 -13.75
CA GLU A 62 1.60 -6.58 -12.61
C GLU A 62 2.58 -6.95 -11.47
N ALA A 63 2.28 -8.04 -10.76
CA ALA A 63 3.04 -8.43 -9.55
C ALA A 63 4.54 -8.47 -9.81
N GLN A 64 4.90 -9.10 -10.93
CA GLN A 64 6.30 -9.27 -11.31
C GLN A 64 6.96 -7.98 -11.71
N ASN A 65 6.18 -6.94 -11.97
CA ASN A 65 6.74 -5.65 -12.37
C ASN A 65 6.93 -4.63 -11.23
N ALA A 66 6.82 -5.09 -9.98
CA ALA A 66 7.05 -4.22 -8.84
C ALA A 66 8.45 -3.61 -8.94
N ALA A 67 8.51 -2.27 -8.85
CA ALA A 67 9.79 -1.57 -9.01
C ALA A 67 10.74 -1.90 -7.87
N ALA A 68 12.02 -1.91 -8.18
CA ALA A 68 13.05 -2.25 -7.22
C ALA A 68 13.72 -0.97 -6.74
N LEU A 69 13.59 -0.70 -5.45
CA LEU A 69 14.03 0.56 -4.86
C LEU A 69 14.74 0.21 -3.57
N ASN A 70 15.73 0.99 -3.22
CA ASN A 70 16.53 0.72 -2.04
C ASN A 70 16.30 1.82 -1.00
N HIS A 71 15.40 1.57 -0.04
CA HIS A 71 15.09 2.51 1.02
C HIS A 71 14.66 1.66 2.21
N PRO A 72 14.97 2.12 3.44
CA PRO A 72 14.57 1.34 4.63
C PRO A 72 13.05 1.13 4.86
N ALA A 73 12.23 1.98 4.28
CA ALA A 73 10.78 1.89 4.38
C ALA A 73 10.16 1.30 3.09
N ILE A 74 10.98 0.75 2.21
CA ILE A 74 10.48 0.13 0.99
C ILE A 74 10.92 -1.34 0.97
N VAL A 75 9.99 -2.24 0.63
CA VAL A 75 10.30 -3.66 0.52
C VAL A 75 11.12 -3.84 -0.74
N ALA A 76 12.39 -4.25 -0.58
CA ALA A 76 13.27 -4.40 -1.74
C ALA A 76 12.83 -5.58 -2.59
N VAL A 77 13.07 -5.50 -3.89
CA VAL A 77 12.75 -6.58 -4.79
C VAL A 77 14.11 -7.14 -5.19
N TYR A 78 14.30 -8.45 -5.02
CA TYR A 78 15.60 -9.08 -5.29
C TYR A 78 15.70 -9.78 -6.64
N ASP A 79 14.65 -10.45 -7.09
CA ASP A 79 14.76 -11.38 -8.24
C ASP A 79 13.38 -11.63 -8.79
N THR A 80 13.29 -12.02 -10.05
CA THR A 80 12.04 -12.54 -10.61
C THR A 80 12.37 -13.74 -11.46
N GLY A 81 11.37 -14.53 -11.80
CA GLY A 81 11.61 -15.75 -12.54
C GLY A 81 10.38 -16.58 -12.81
N GLU A 82 10.62 -17.77 -13.35
CA GLU A 82 9.56 -18.66 -13.75
C GLU A 82 10.09 -20.07 -13.50
N ALA A 83 9.46 -20.79 -12.59
CA ALA A 83 9.81 -22.18 -12.33
C ALA A 83 9.02 -23.03 -13.30
N GLU A 84 9.62 -24.10 -13.81
CA GLU A 84 8.85 -25.07 -14.59
C GLU A 84 8.22 -26.06 -13.61
N THR A 85 6.89 -26.18 -13.67
CA THR A 85 6.13 -27.03 -12.75
C THR A 85 5.44 -28.11 -13.55
N PRO A 86 5.31 -29.33 -12.99
CA PRO A 86 4.55 -30.40 -13.66
C PRO A 86 3.25 -29.91 -14.29
N ALA A 87 2.60 -28.96 -13.63
CA ALA A 87 1.39 -28.30 -14.11
C ALA A 87 1.63 -27.32 -15.26
N GLY A 88 2.76 -26.61 -15.19
CA GLY A 88 3.13 -25.58 -16.17
C GLY A 88 4.16 -24.59 -15.59
N PRO A 89 4.51 -23.54 -16.38
CA PRO A 89 5.45 -22.50 -15.92
C PRO A 89 4.86 -21.68 -14.80
N LEU A 90 5.62 -21.44 -13.73
CA LEU A 90 5.08 -20.78 -12.55
C LEU A 90 5.90 -19.55 -12.23
N PRO A 91 5.35 -18.36 -12.50
CA PRO A 91 6.10 -17.13 -12.36
C PRO A 91 6.23 -16.72 -10.90
N TYR A 92 7.32 -16.05 -10.56
CA TYR A 92 7.50 -15.59 -9.18
C TYR A 92 8.29 -14.32 -9.10
N ILE A 93 8.21 -13.68 -7.93
CA ILE A 93 9.06 -12.55 -7.63
C ILE A 93 9.62 -12.69 -6.22
N VAL A 94 10.92 -12.46 -6.09
CA VAL A 94 11.59 -12.62 -4.81
C VAL A 94 11.83 -11.27 -4.20
N MET A 95 11.48 -11.13 -2.93
CA MET A 95 11.64 -9.83 -2.28
C MET A 95 12.03 -9.94 -0.82
N GLU A 96 12.31 -8.78 -0.26
CA GLU A 96 12.65 -8.65 1.15
C GLU A 96 11.51 -9.24 2.00
N TYR A 97 11.89 -10.06 2.97
CA TYR A 97 10.97 -10.66 3.95
C TYR A 97 10.64 -9.67 5.08
N VAL A 98 9.35 -9.50 5.33
CA VAL A 98 8.85 -8.71 6.44
C VAL A 98 8.12 -9.65 7.38
N ASP A 99 8.64 -9.74 8.59
CA ASP A 99 7.99 -10.41 9.67
C ASP A 99 7.10 -9.35 10.30
N GLY A 100 5.82 -9.39 9.90
CA GLY A 100 4.87 -8.37 10.29
C GLY A 100 3.51 -8.57 9.66
N VAL A 101 2.68 -7.55 9.74
CA VAL A 101 1.29 -7.61 9.34
C VAL A 101 0.97 -6.37 8.50
N THR A 102 0.13 -6.51 7.47
CA THR A 102 -0.32 -5.36 6.64
C THR A 102 -1.25 -4.47 7.46
N LEU A 103 -1.37 -3.20 7.06
CA LEU A 103 -2.34 -2.30 7.71
C LEU A 103 -3.78 -2.79 7.51
N ARG A 104 -4.04 -3.45 6.38
CA ARG A 104 -5.36 -3.96 6.14
C ARG A 104 -5.69 -5.00 7.24
N ASP A 105 -4.79 -5.93 7.48
CA ASP A 105 -4.98 -6.88 8.56
C ASP A 105 -5.09 -6.24 9.94
N ILE A 106 -4.31 -5.20 10.21
CA ILE A 106 -4.31 -4.57 11.54
C ILE A 106 -5.65 -3.93 11.82
N VAL A 107 -6.18 -3.23 10.83
CA VAL A 107 -7.47 -2.56 10.98
C VAL A 107 -8.55 -3.59 11.17
N HIS A 108 -8.44 -4.70 10.43
CA HIS A 108 -9.41 -5.77 10.46
C HIS A 108 -9.40 -6.44 11.81
N THR A 109 -8.22 -6.74 12.35
CA THR A 109 -8.13 -7.50 13.61
C THR A 109 -8.23 -6.62 14.86
N GLU A 110 -7.76 -5.37 14.80
CA GLU A 110 -7.62 -4.53 16.01
C GLU A 110 -8.44 -3.25 16.08
N GLY A 111 -9.08 -2.87 14.98
CA GLY A 111 -9.79 -1.61 14.90
C GLY A 111 -8.86 -0.45 14.56
N PRO A 112 -9.35 0.79 14.72
CA PRO A 112 -8.54 1.99 14.48
C PRO A 112 -7.30 2.03 15.39
N MET A 113 -6.21 2.57 14.84
CA MET A 113 -4.99 2.79 15.60
C MET A 113 -5.21 4.04 16.44
N THR A 114 -4.55 4.13 17.60
CA THR A 114 -4.53 5.39 18.30
C THR A 114 -4.04 6.41 17.30
N PRO A 115 -4.49 7.66 17.38
CA PRO A 115 -4.07 8.70 16.48
C PRO A 115 -2.56 8.92 16.34
N LYS A 116 -1.80 8.88 17.41
CA LYS A 116 -0.36 9.14 17.29
C LYS A 116 0.36 8.05 16.54
N ARG A 117 0.01 6.80 16.83
CA ARG A 117 0.54 5.65 16.10
C ARG A 117 0.20 5.75 14.65
N ALA A 118 -1.05 6.10 14.33
CA ALA A 118 -1.45 6.30 12.91
C ALA A 118 -0.60 7.38 12.20
N ILE A 119 -0.35 8.49 12.89
CA ILE A 119 0.49 9.55 12.31
C ILE A 119 1.93 9.08 12.04
N GLU A 120 2.51 8.37 13.00
CA GLU A 120 3.86 7.76 12.89
C GLU A 120 3.93 6.83 11.70
N VAL A 121 2.95 5.95 11.59
CA VAL A 121 2.97 4.98 10.49
C VAL A 121 2.89 5.70 9.15
N ILE A 122 1.97 6.66 9.00
CA ILE A 122 1.79 7.32 7.75
C ILE A 122 2.92 8.28 7.41
N ALA A 123 3.50 8.94 8.43
CA ALA A 123 4.68 9.77 8.22
C ALA A 123 5.86 8.97 7.63
N ASP A 124 6.05 7.75 8.11
CA ASP A 124 7.11 6.85 7.57
C ASP A 124 6.82 6.43 6.14
N ALA A 125 5.55 6.18 5.83
CA ALA A 125 5.10 5.92 4.44
C ALA A 125 5.43 7.08 3.56
N CYS A 126 5.32 8.30 4.10
CA CYS A 126 5.68 9.49 3.33
C CYS A 126 7.13 9.49 2.92
N GLN A 127 8.00 9.00 3.78
CA GLN A 127 9.43 8.88 3.46
C GLN A 127 9.65 7.87 2.30
N ALA A 128 8.97 6.75 2.35
CA ALA A 128 9.04 5.77 1.27
C ALA A 128 8.61 6.39 -0.05
N LEU A 129 7.46 7.05 -0.04
CA LEU A 129 6.95 7.73 -1.24
C LEU A 129 7.84 8.84 -1.76
N ASN A 130 8.32 9.71 -0.88
CA ASN A 130 9.33 10.72 -1.27
C ASN A 130 10.48 10.09 -2.02
N PHE A 131 11.09 9.07 -1.44
CA PHE A 131 12.22 8.38 -2.11
C PHE A 131 11.82 7.89 -3.49
N SER A 132 10.67 7.23 -3.57
CA SER A 132 10.20 6.72 -4.87
C SER A 132 10.03 7.86 -5.86
N HIS A 133 9.34 8.92 -5.42
CA HIS A 133 9.11 10.09 -6.27
C HIS A 133 10.42 10.73 -6.70
N GLN A 134 11.37 10.85 -5.77
CA GLN A 134 12.69 11.40 -6.12
C GLN A 134 13.38 10.52 -7.13
N ASN A 135 13.01 9.26 -7.21
CA ASN A 135 13.61 8.36 -8.17
C ASN A 135 12.67 8.09 -9.36
N GLY A 136 11.77 9.03 -9.61
CA GLY A 136 10.85 8.98 -10.75
C GLY A 136 9.81 7.86 -10.74
N ILE A 137 9.43 7.36 -9.58
CA ILE A 137 8.41 6.34 -9.56
C ILE A 137 7.23 6.77 -8.73
N ILE A 138 6.07 6.76 -9.38
CA ILE A 138 4.81 6.93 -8.72
C ILE A 138 4.37 5.52 -8.25
N HIS A 139 3.87 5.41 -7.04
CA HIS A 139 3.49 4.11 -6.55
C HIS A 139 2.27 3.58 -7.32
N ARG A 140 1.25 4.42 -7.46
CA ARG A 140 0.02 4.10 -8.21
C ARG A 140 -1.00 3.19 -7.49
N ASP A 141 -0.62 2.52 -6.40
CA ASP A 141 -1.55 1.61 -5.71
C ASP A 141 -1.35 1.61 -4.22
N VAL A 142 -1.27 2.81 -3.66
CA VAL A 142 -1.20 2.95 -2.22
C VAL A 142 -2.55 2.50 -1.62
N LYS A 143 -2.45 1.56 -0.69
CA LYS A 143 -3.62 0.97 -0.06
C LYS A 143 -3.12 0.27 1.19
N PRO A 144 -4.04 0.01 2.14
CA PRO A 144 -3.65 -0.64 3.38
C PRO A 144 -2.95 -1.99 3.17
N ALA A 145 -3.29 -2.70 2.12
CA ALA A 145 -2.66 -3.99 1.88
C ALA A 145 -1.19 -3.88 1.47
N ASN A 146 -0.74 -2.69 1.05
CA ASN A 146 0.62 -2.49 0.53
C ASN A 146 1.53 -1.81 1.53
N ILE A 147 1.09 -1.72 2.79
CA ILE A 147 1.93 -1.24 3.87
C ILE A 147 1.92 -2.27 5.04
N MET A 148 3.09 -2.71 5.46
CA MET A 148 3.22 -3.60 6.62
C MET A 148 3.91 -2.93 7.78
N ILE A 149 3.60 -3.38 8.98
CA ILE A 149 4.41 -3.03 10.14
C ILE A 149 5.10 -4.29 10.61
N SER A 150 6.41 -4.21 10.74
CA SER A 150 7.20 -5.36 11.20
C SER A 150 7.03 -5.59 12.69
N ALA A 151 7.48 -6.73 13.16
CA ALA A 151 7.48 -7.07 14.59
C ALA A 151 8.35 -6.13 15.45
N THR A 152 9.28 -5.40 14.82
CA THR A 152 10.07 -4.36 15.48
C THR A 152 9.56 -2.94 15.16
N ASN A 153 8.33 -2.89 14.67
CA ASN A 153 7.54 -1.67 14.44
C ASN A 153 8.00 -0.73 13.35
N ALA A 154 8.74 -1.25 12.38
CA ALA A 154 9.17 -0.49 11.25
C ALA A 154 8.09 -0.60 10.18
N VAL A 155 7.86 0.50 9.47
CA VAL A 155 6.88 0.53 8.41
C VAL A 155 7.55 0.11 7.13
N LYS A 156 6.90 -0.72 6.33
CA LYS A 156 7.47 -1.13 5.05
C LYS A 156 6.40 -1.03 3.95
N VAL A 157 6.72 -0.28 2.88
CA VAL A 157 5.80 -0.06 1.77
C VAL A 157 6.26 -0.89 0.55
N MET A 158 5.30 -1.49 -0.14
CA MET A 158 5.62 -2.45 -1.19
C MET A 158 4.79 -2.28 -2.43
N ASP A 159 5.27 -2.93 -3.50
CA ASP A 159 4.57 -3.14 -4.75
C ASP A 159 4.34 -1.83 -5.51
N PHE A 160 5.47 -1.15 -5.84
CA PHE A 160 5.51 0.19 -6.44
C PHE A 160 5.46 0.13 -7.96
N GLY A 161 4.70 1.05 -8.56
CA GLY A 161 4.84 1.32 -9.99
C GLY A 161 4.17 0.33 -10.91
N ILE A 162 3.11 -0.31 -10.44
CA ILE A 162 2.39 -1.29 -11.24
C ILE A 162 1.14 -0.67 -11.84
N ALA A 163 0.87 -1.03 -13.09
CA ALA A 163 -0.35 -0.62 -13.79
C ALA A 163 -1.49 -1.67 -13.63
N ARG A 164 -2.41 -1.34 -12.71
CA ARG A 164 -3.65 -2.08 -12.46
C ARG A 164 -3.44 -3.19 -11.41
N ALA A 183 -11.16 -0.05 -5.77
CA ALA A 183 -11.38 1.40 -6.02
C ALA A 183 -11.36 2.24 -4.75
N GLN A 184 -11.34 1.60 -3.59
CA GLN A 184 -11.48 2.34 -2.34
C GLN A 184 -10.40 3.40 -2.11
N TYR A 185 -9.23 3.21 -2.75
CA TYR A 185 -8.02 4.04 -2.49
C TYR A 185 -7.54 4.86 -3.68
N LEU A 186 -8.21 4.73 -4.83
CA LEU A 186 -7.79 5.43 -6.04
C LEU A 186 -8.12 6.89 -5.97
N SER A 187 -7.30 7.69 -6.63
CA SER A 187 -7.53 9.13 -6.71
C SER A 187 -8.59 9.45 -7.76
N PRO A 188 -9.25 10.61 -7.63
CA PRO A 188 -10.22 11.03 -8.66
C PRO A 188 -9.64 10.99 -10.06
N GLU A 189 -8.40 11.41 -10.21
CA GLU A 189 -7.75 11.44 -11.52
C GLU A 189 -7.58 10.04 -12.10
N GLN A 190 -7.25 9.07 -11.24
CA GLN A 190 -7.26 7.64 -11.65
C GLN A 190 -8.65 7.14 -12.02
N ALA A 191 -9.66 7.51 -11.25
CA ALA A 191 -11.08 7.30 -11.66
C ALA A 191 -11.47 7.96 -12.98
N ARG A 192 -10.91 9.13 -13.26
CA ARG A 192 -11.25 9.86 -14.49
C ARG A 192 -10.42 9.43 -15.71
N GLY A 193 -9.34 8.68 -15.52
CA GLY A 193 -8.34 8.51 -16.56
C GLY A 193 -7.65 9.84 -16.91
N ASP A 194 -7.24 10.60 -15.90
CA ASP A 194 -6.36 11.75 -16.12
C ASP A 194 -4.93 11.28 -15.82
N SER A 195 -4.00 12.22 -15.87
CA SER A 195 -2.62 12.01 -15.45
C SER A 195 -2.52 11.62 -13.99
N VAL A 196 -1.70 10.61 -13.70
CA VAL A 196 -1.39 10.24 -12.31
C VAL A 196 0.03 10.72 -11.93
N ASP A 197 0.19 11.32 -10.76
CA ASP A 197 1.47 11.92 -10.34
C ASP A 197 1.63 11.80 -8.83
N ALA A 198 2.67 12.39 -8.26
CA ALA A 198 2.88 12.26 -6.83
C ALA A 198 1.66 12.69 -6.05
N ARG A 199 0.89 13.67 -6.53
CA ARG A 199 -0.30 14.08 -5.77
C ARG A 199 -1.41 12.99 -5.69
N SER A 200 -1.43 12.06 -6.65
CA SER A 200 -2.35 10.92 -6.66
C SER A 200 -1.95 9.98 -5.52
N ASP A 201 -0.65 9.71 -5.38
CA ASP A 201 -0.12 8.97 -4.22
C ASP A 201 -0.48 9.67 -2.91
N VAL A 202 -0.36 10.99 -2.88
CA VAL A 202 -0.77 11.74 -1.66
C VAL A 202 -2.22 11.43 -1.33
N TYR A 203 -3.08 11.46 -2.34
CA TYR A 203 -4.51 11.28 -2.11
C TYR A 203 -4.79 9.90 -1.56
N SER A 204 -4.26 8.89 -2.23
CA SER A 204 -4.42 7.51 -1.83
C SER A 204 -3.83 7.27 -0.42
N LEU A 205 -2.67 7.82 -0.11
CA LEU A 205 -2.17 7.74 1.28
C LEU A 205 -3.11 8.45 2.23
N GLY A 206 -3.69 9.57 1.82
CA GLY A 206 -4.75 10.17 2.67
C GLY A 206 -5.92 9.23 3.01
N CYS A 207 -6.31 8.40 2.04
CA CYS A 207 -7.38 7.41 2.23
C CYS A 207 -6.98 6.39 3.29
N VAL A 208 -5.71 6.00 3.25
CA VAL A 208 -5.16 5.03 4.20
C VAL A 208 -5.17 5.61 5.59
N LEU A 209 -4.67 6.83 5.70
CA LEU A 209 -4.68 7.61 6.95
C LEU A 209 -6.07 7.70 7.51
N TYR A 210 -7.04 8.08 6.66
CA TYR A 210 -8.46 8.11 7.01
C TYR A 210 -8.91 6.78 7.65
N GLU A 211 -8.57 5.70 6.98
CA GLU A 211 -8.97 4.39 7.39
C GLU A 211 -8.31 3.94 8.67
N VAL A 212 -7.02 4.18 8.85
CA VAL A 212 -6.39 3.79 10.14
C VAL A 212 -6.88 4.63 11.34
N LEU A 213 -7.34 5.86 11.10
CA LEU A 213 -7.88 6.72 12.19
C LEU A 213 -9.32 6.42 12.54
N THR A 214 -10.13 6.10 11.55
CA THR A 214 -11.57 5.90 11.74
C THR A 214 -11.98 4.44 11.75
N GLY A 215 -11.17 3.56 11.18
CA GLY A 215 -11.52 2.17 11.01
C GLY A 215 -12.34 1.89 9.75
N GLU A 216 -12.54 2.92 8.95
CA GLU A 216 -13.34 2.83 7.75
C GLU A 216 -12.67 3.62 6.66
N PRO A 217 -12.75 3.14 5.43
CA PRO A 217 -12.24 3.96 4.34
C PRO A 217 -13.21 5.14 4.09
N PRO A 218 -12.75 6.19 3.41
CA PRO A 218 -13.60 7.37 3.19
C PRO A 218 -14.91 7.08 2.47
N PHE A 219 -14.86 6.19 1.48
CA PHE A 219 -16.00 5.93 0.61
C PHE A 219 -16.20 4.42 0.49
N THR A 220 -17.44 3.97 0.67
CA THR A 220 -17.80 2.58 0.45
C THR A 220 -18.96 2.55 -0.54
N GLY A 221 -19.02 1.50 -1.33
CA GLY A 221 -20.05 1.39 -2.35
C GLY A 221 -20.43 -0.06 -2.62
N ASP A 222 -21.60 -0.25 -3.23
CA ASP A 222 -22.04 -1.57 -3.64
C ASP A 222 -21.26 -2.08 -4.86
N SER A 223 -20.37 -1.25 -5.41
CA SER A 223 -19.56 -1.58 -6.59
C SER A 223 -18.35 -0.65 -6.68
N PRO A 224 -17.35 -1.00 -7.49
CA PRO A 224 -16.21 -0.11 -7.71
C PRO A 224 -16.52 1.17 -8.51
N VAL A 225 -17.53 1.11 -9.37
CA VAL A 225 -17.97 2.32 -10.11
C VAL A 225 -18.66 3.35 -9.21
N SER A 226 -19.42 2.83 -8.25
CA SER A 226 -20.04 3.63 -7.20
C SER A 226 -19.01 4.31 -6.28
N VAL A 227 -17.97 3.59 -5.87
CA VAL A 227 -16.87 4.15 -5.08
C VAL A 227 -16.09 5.18 -5.91
N ALA A 228 -15.75 4.84 -7.14
CA ALA A 228 -15.05 5.76 -8.02
C ALA A 228 -15.85 7.07 -8.16
N TYR A 229 -17.15 6.96 -8.36
CA TYR A 229 -18.03 8.12 -8.44
C TYR A 229 -17.86 9.02 -7.21
N GLN A 230 -17.89 8.41 -6.03
CA GLN A 230 -17.80 9.15 -4.80
C GLN A 230 -16.47 9.88 -4.62
N HIS A 231 -15.38 9.27 -5.10
CA HIS A 231 -14.06 9.91 -5.08
C HIS A 231 -14.02 11.19 -5.92
N VAL A 232 -14.61 11.10 -7.11
CA VAL A 232 -14.74 12.25 -8.02
C VAL A 232 -15.66 13.33 -7.46
N ARG A 233 -16.81 12.94 -6.91
CA ARG A 233 -17.92 13.88 -6.73
C ARG A 233 -18.33 14.22 -5.30
N GLU A 234 -18.04 13.36 -4.34
CA GLU A 234 -18.57 13.53 -2.99
C GLU A 234 -17.53 13.79 -1.92
N ASP A 235 -17.85 14.77 -1.07
CA ASP A 235 -16.96 15.18 0.00
C ASP A 235 -16.86 14.11 1.08
N PRO A 236 -15.66 13.80 1.53
CA PRO A 236 -15.58 12.84 2.61
C PRO A 236 -16.11 13.44 3.91
N ILE A 237 -16.71 12.60 4.75
CA ILE A 237 -17.16 12.96 6.08
C ILE A 237 -15.89 13.20 6.87
N PRO A 238 -15.80 14.34 7.57
CA PRO A 238 -14.54 14.54 8.32
C PRO A 238 -14.30 13.47 9.37
N PRO A 239 -13.06 12.98 9.49
CA PRO A 239 -12.73 11.89 10.41
C PRO A 239 -13.31 12.03 11.84
N SER A 240 -13.35 13.23 12.38
CA SER A 240 -13.79 13.38 13.74
C SER A 240 -15.30 13.15 13.84
N ALA A 241 -16.00 13.18 12.71
CA ALA A 241 -17.41 12.83 12.67
C ALA A 241 -17.63 11.32 12.66
N ARG A 242 -16.69 10.59 12.05
CA ARG A 242 -16.76 9.10 11.98
C ARG A 242 -16.27 8.38 13.22
N HIS A 243 -15.55 9.07 14.11
CA HIS A 243 -14.85 8.40 15.21
C HIS A 243 -14.37 9.35 16.32
N GLU A 244 -14.45 8.88 17.57
CA GLU A 244 -14.06 9.68 18.73
C GLU A 244 -12.53 9.84 18.86
N GLY A 245 -12.10 10.90 19.55
CA GLY A 245 -10.69 11.17 19.87
C GLY A 245 -9.87 11.80 18.76
N LEU A 246 -10.56 12.30 17.73
CA LEU A 246 -9.87 12.86 16.57
C LEU A 246 -10.06 14.36 16.57
N SER A 247 -8.98 15.12 16.49
CA SER A 247 -9.03 16.59 16.56
C SER A 247 -9.37 17.26 15.22
N ALA A 248 -9.65 18.54 15.26
CA ALA A 248 -9.85 19.32 14.03
C ALA A 248 -8.56 19.51 13.24
N ASP A 249 -7.42 19.58 13.93
CA ASP A 249 -6.10 19.61 13.26
C ASP A 249 -5.89 18.38 12.37
N LEU A 250 -6.29 17.21 12.88
CA LEU A 250 -6.23 15.98 12.09
C LEU A 250 -7.24 15.98 10.94
N ASP A 251 -8.46 16.46 11.17
CA ASP A 251 -9.40 16.62 10.05
C ASP A 251 -8.75 17.46 8.93
N ALA A 252 -8.10 18.54 9.34
CA ALA A 252 -7.50 19.46 8.41
C ALA A 252 -6.45 18.78 7.56
N VAL A 253 -5.59 17.96 8.16
CA VAL A 253 -4.55 17.28 7.42
C VAL A 253 -5.11 16.21 6.47
N VAL A 254 -6.06 15.44 6.97
CA VAL A 254 -6.63 14.37 6.21
C VAL A 254 -7.44 14.95 5.06
N LEU A 255 -8.25 15.98 5.35
CA LEU A 255 -9.10 16.55 4.32
C LEU A 255 -8.33 17.29 3.21
N LYS A 256 -7.15 17.82 3.54
CA LYS A 256 -6.22 18.37 2.51
C LYS A 256 -5.66 17.31 1.50
N ALA A 257 -5.15 16.21 2.06
CA ALA A 257 -4.68 15.05 1.28
C ALA A 257 -5.78 14.52 0.36
N LEU A 258 -7.04 14.58 0.86
CA LEU A 258 -8.21 14.14 0.11
C LEU A 258 -8.93 15.20 -0.73
N ALA A 259 -8.31 16.35 -0.97
CA ALA A 259 -8.92 17.39 -1.82
C ALA A 259 -9.14 16.84 -3.22
N LYS A 260 -10.25 17.17 -3.85
CA LYS A 260 -10.54 16.66 -5.18
C LYS A 260 -9.52 17.16 -6.19
N ASN A 261 -9.19 18.45 -6.12
CA ASN A 261 -8.29 19.08 -7.07
C ASN A 261 -6.87 18.83 -6.60
N PRO A 262 -6.04 18.18 -7.43
CA PRO A 262 -4.65 17.98 -6.99
C PRO A 262 -3.94 19.25 -6.56
N GLU A 263 -4.32 20.42 -7.09
CA GLU A 263 -3.67 21.69 -6.69
C GLU A 263 -3.95 22.09 -5.24
N ASN A 264 -5.00 21.53 -4.64
CA ASN A 264 -5.33 21.85 -3.23
C ASN A 264 -4.86 20.82 -2.22
N ARG A 265 -4.22 19.77 -2.70
CA ARG A 265 -3.62 18.78 -1.84
C ARG A 265 -2.22 19.19 -1.47
N TYR A 266 -1.61 18.38 -0.63
CA TYR A 266 -0.16 18.44 -0.44
C TYR A 266 0.46 18.16 -1.79
N GLN A 267 1.43 19.00 -2.18
CA GLN A 267 2.02 18.87 -3.49
C GLN A 267 3.08 17.75 -3.54
N THR A 268 3.64 17.43 -2.38
CA THR A 268 4.65 16.37 -2.28
C THR A 268 4.36 15.49 -1.07
N ALA A 269 4.88 14.26 -1.06
CA ALA A 269 4.82 13.41 0.16
C ALA A 269 5.51 14.12 1.34
N ALA A 270 6.59 14.87 1.06
CA ALA A 270 7.33 15.55 2.12
C ALA A 270 6.50 16.71 2.76
N GLU A 271 5.71 17.41 1.95
CA GLU A 271 4.82 18.45 2.47
C GLU A 271 3.78 17.81 3.40
N MET A 272 3.19 16.70 2.99
CA MET A 272 2.26 15.92 3.86
C MET A 272 2.94 15.47 5.17
N ARG A 273 4.14 14.92 5.06
CA ARG A 273 4.81 14.44 6.25
C ARG A 273 5.06 15.60 7.22
N ALA A 274 5.47 16.75 6.69
CA ALA A 274 5.73 17.91 7.54
C ALA A 274 4.53 18.34 8.35
N ASP A 275 3.32 18.25 7.80
CA ASP A 275 2.09 18.57 8.58
C ASP A 275 1.73 17.47 9.61
N LEU A 276 1.97 16.23 9.24
CA LEU A 276 1.87 15.11 10.18
C LEU A 276 2.77 15.29 11.40
N VAL A 277 4.01 15.72 11.16
CA VAL A 277 4.97 15.92 12.23
C VAL A 277 4.55 17.08 13.10
N ARG A 278 4.00 18.13 12.51
CA ARG A 278 3.45 19.23 13.31
C ARG A 278 2.38 18.70 14.27
N VAL A 279 1.39 17.98 13.73
CA VAL A 279 0.29 17.43 14.53
C VAL A 279 0.78 16.45 15.60
N HIS A 280 1.75 15.61 15.25
CA HIS A 280 2.38 14.72 16.24
C HIS A 280 2.96 15.51 17.43
N ASN A 281 3.55 16.66 17.16
CA ASN A 281 4.15 17.49 18.18
C ASN A 281 3.17 18.51 18.76
N GLY A 282 1.89 18.39 18.41
CA GLY A 282 0.85 19.30 18.88
C GLY A 282 0.91 20.72 18.36
N GLU A 283 1.56 20.95 17.22
CA GLU A 283 1.62 22.29 16.63
C GLU A 283 0.51 22.36 15.57
N PRO A 284 -0.01 23.57 15.29
CA PRO A 284 -1.04 23.67 14.27
C PRO A 284 -0.51 23.24 12.90
N PRO A 285 -1.30 22.48 12.14
CA PRO A 285 -0.85 22.21 10.79
C PRO A 285 -1.02 23.45 9.91
N GLU A 286 -0.40 23.43 8.74
CA GLU A 286 -0.57 24.52 7.76
C GLU A 286 -1.84 24.34 6.88
N ALA A 287 -2.41 23.14 6.88
CA ALA A 287 -3.64 22.84 6.14
C ALA A 287 -4.78 23.77 6.59
N PRO A 288 -5.70 24.13 5.67
CA PRO A 288 -6.85 24.98 5.98
C PRO A 288 -7.72 24.37 7.07
N LYS A 289 -8.21 25.23 7.98
CA LYS A 289 -9.04 24.78 9.06
C LYS A 289 -10.31 24.21 8.48
N VAL A 290 -10.84 23.22 9.17
CA VAL A 290 -12.09 22.61 8.81
C VAL A 290 -12.94 22.73 10.03
N LEU A 291 -14.14 23.31 9.87
CA LEU A 291 -15.09 23.42 10.97
C LEU A 291 -16.25 22.44 10.86
N THR A 292 -16.75 21.96 12.00
CA THR A 292 -17.92 21.06 12.03
C THR A 292 -18.95 21.50 13.06
PG AGS B . -3.38 -7.99 -4.82
S1G AGS B . -3.73 -8.49 -6.41
O2G AGS B . -4.49 -8.55 -3.92
O3G AGS B . -3.13 -6.44 -4.87
PB AGS B . -1.37 -10.06 -4.39
O1B AGS B . -2.32 -11.12 -4.80
O2B AGS B . -0.14 -9.97 -5.28
O3B AGS B . -1.99 -8.58 -4.24
PA AGS B . -0.25 -9.19 -1.91
O1A AGS B . 0.74 -8.37 -2.64
O2A AGS B . -1.36 -8.42 -1.18
O3A AGS B . -0.91 -10.28 -2.88
O5' AGS B . 0.43 -10.19 -0.84
C5' AGS B . -0.38 -11.11 -0.14
C4' AGS B . 0.00 -11.18 1.32
O4' AGS B . 1.31 -11.71 1.43
C3' AGS B . 0.06 -9.84 2.07
O3' AGS B . -1.15 -9.48 2.70
C2' AGS B . 1.08 -10.17 3.13
O2' AGS B . 0.51 -10.90 4.19
C1' AGS B . 2.04 -11.13 2.49
N9 AGS B . 3.23 -10.47 1.96
C8 AGS B . 3.38 -9.81 0.76
N7 AGS B . 4.66 -9.39 0.63
C5 AGS B . 5.37 -9.75 1.72
C6 AGS B . 6.69 -9.63 2.13
N6 AGS B . 7.53 -8.72 1.69
N1 AGS B . 7.04 -10.14 3.35
C2 AGS B . 6.13 -10.81 4.12
N3 AGS B . 4.83 -10.94 3.71
C4 AGS B . 4.45 -10.43 2.55
O1 MES C . -4.83 -19.66 -1.76
C2 MES C . -5.02 -20.75 -2.72
C3 MES C . -3.69 -21.41 -3.17
N4 MES C . -2.95 -21.88 -1.99
C5 MES C . -2.60 -20.70 -1.17
C6 MES C . -3.87 -19.93 -0.70
C7 MES C . -1.77 -22.71 -2.29
C8 MES C . -1.01 -23.07 -0.98
S MES C . 0.19 -24.46 -1.16
O1S MES C . -0.26 -25.67 -0.39
O2S MES C . 1.56 -24.15 -0.67
O3S MES C . 0.20 -24.66 -2.65
#